data_2VRR
#
_entry.id   2VRR
#
_cell.length_a   27.520
_cell.length_b   66.610
_cell.length_c   122.579
_cell.angle_alpha   90.00
_cell.angle_beta   90.00
_cell.angle_gamma   90.00
#
_symmetry.space_group_name_H-M   'P 21 21 21'
#
loop_
_entity.id
_entity.type
_entity.pdbx_description
1 polymer 'SUMO-CONJUGATING ENZYME UBC9'
2 polymer 'SMALL UBIQUITIN-RELATED MODIFIER 1'
3 non-polymer 'FORMIC ACID'
4 non-polymer 'SODIUM ION'
5 water water
#
loop_
_entity_poly.entity_id
_entity_poly.type
_entity_poly.pdbx_seq_one_letter_code
_entity_poly.pdbx_strand_id
1 'polypeptide(L)'
;MSGIALSRLAQERKAWRKDHPFGFVAVPTKNPDGTMNLMNWECAIPGKKGTPWEGGLFKLRMLFKDDYPSSPPKCKFEPP
LFHPNVYPSGTVCLSILEEDKDWRPAITIKQILLGIQELLNEPNIQDPAQAEAYTIYCQNRVEYEKRVRAQAKKFAPS
;
A
2 'polypeptide(L)' MEYIKLKVIGQDSSEIHFKVKMTTHLKKLKESYCQRQGVPMNSLRFLFEGQRIADNHTPKELGMEEEDVIEVYQEQTGG B
#
loop_
_chem_comp.id
_chem_comp.type
_chem_comp.name
_chem_comp.formula
FMT non-polymer 'FORMIC ACID' 'C H2 O2'
NA non-polymer 'SODIUM ION' 'Na 1'
#
# COMPACT_ATOMS: atom_id res chain seq x y z
N SER A 2 6.21 -4.50 -11.01
CA SER A 2 5.30 -5.61 -11.36
C SER A 2 3.87 -5.06 -11.54
N GLY A 3 3.36 -5.16 -12.78
CA GLY A 3 1.97 -4.85 -13.11
C GLY A 3 0.97 -5.54 -12.26
N ILE A 4 1.21 -6.81 -11.91
CA ILE A 4 0.26 -7.57 -11.09
C ILE A 4 0.19 -7.00 -9.68
N ALA A 5 1.34 -6.78 -9.06
CA ALA A 5 1.42 -6.20 -7.72
C ALA A 5 0.85 -4.80 -7.65
N LEU A 6 1.21 -3.94 -8.61
CA LEU A 6 0.79 -2.54 -8.62
C LEU A 6 -0.71 -2.39 -8.92
N SER A 7 -1.22 -3.24 -9.80
CA SER A 7 -2.65 -3.19 -10.14
C SER A 7 -3.55 -3.57 -8.94
N ARG A 8 -3.07 -4.50 -8.13
CA ARG A 8 -3.72 -4.90 -6.90
C ARG A 8 -3.59 -3.85 -5.77
N LEU A 9 -2.42 -3.27 -5.64
CA LEU A 9 -2.19 -2.26 -4.62
C LEU A 9 -2.97 -0.98 -4.94
N ALA A 10 -3.19 -0.67 -6.21
CA ALA A 10 -4.07 0.42 -6.58
C ALA A 10 -5.52 0.12 -6.18
N GLN A 11 -5.94 -1.14 -6.32
CA GLN A 11 -7.29 -1.53 -5.86
C GLN A 11 -7.40 -1.40 -4.35
N GLU A 12 -6.36 -1.82 -3.64
CA GLU A 12 -6.30 -1.74 -2.21
C GLU A 12 -6.43 -0.30 -1.72
N ARG A 13 -5.67 0.59 -2.35
CA ARG A 13 -5.63 2.00 -1.97
C ARG A 13 -6.98 2.70 -2.24
N LYS A 14 -7.59 2.41 -3.39
CA LYS A 14 -8.91 2.91 -3.72
C LYS A 14 -9.95 2.48 -2.68
N ALA A 15 -9.90 1.22 -2.25
CA ALA A 15 -10.88 0.66 -1.31
C ALA A 15 -10.66 1.24 0.09
N TRP A 16 -9.42 1.45 0.47
CA TRP A 16 -9.08 2.06 1.74
C TRP A 16 -9.64 3.51 1.82
N ARG A 17 -9.35 4.28 0.78
CA ARG A 17 -9.92 5.60 0.63
C ARG A 17 -11.46 5.66 0.74
N LYS A 18 -12.15 4.67 0.16
CA LYS A 18 -13.62 4.59 0.26
C LYS A 18 -14.09 4.34 1.69
N ASP A 19 -13.38 3.45 2.40
CA ASP A 19 -13.90 2.82 3.60
C ASP A 19 -12.83 1.98 4.23
N HIS A 20 -12.50 2.26 5.48
CA HIS A 20 -11.60 1.43 6.25
C HIS A 20 -12.00 1.53 7.73
N PRO A 21 -11.49 0.61 8.55
CA PRO A 21 -11.85 0.64 9.96
C PRO A 21 -11.36 1.87 10.72
N PHE A 22 -12.23 2.38 11.60
CA PHE A 22 -11.98 3.65 12.32
C PHE A 22 -10.67 3.58 13.09
N GLY A 23 -9.87 4.64 12.95
CA GLY A 23 -8.66 4.78 13.71
C GLY A 23 -7.41 4.24 13.01
N PHE A 24 -7.62 3.46 11.97
CA PHE A 24 -6.53 2.83 11.25
C PHE A 24 -6.04 3.81 10.17
N VAL A 25 -4.73 3.81 9.95
CA VAL A 25 -4.10 4.60 8.91
C VAL A 25 -3.32 3.68 8.01
N ALA A 26 -3.33 3.97 6.71
CA ALA A 26 -2.60 3.18 5.73
C ALA A 26 -2.45 4.05 4.49
N VAL A 27 -1.25 4.59 4.34
CA VAL A 27 -0.93 5.61 3.33
C VAL A 27 0.31 5.13 2.55
N PRO A 28 0.13 4.81 1.25
CA PRO A 28 1.32 4.51 0.44
C PRO A 28 2.35 5.68 0.46
N THR A 29 3.62 5.38 0.25
CA THR A 29 4.64 6.39 0.25
C THR A 29 4.58 7.23 -1.04
N LYS A 30 4.48 8.54 -0.88
CA LYS A 30 4.54 9.48 -2.00
C LYS A 30 5.96 9.98 -2.20
N ASN A 31 6.49 9.82 -3.40
CA ASN A 31 7.85 10.25 -3.71
C ASN A 31 7.96 11.77 -3.68
N PRO A 32 9.18 12.28 -3.45
CA PRO A 32 9.35 13.72 -3.49
C PRO A 32 8.68 14.40 -4.69
N ASP A 33 8.56 13.70 -5.81
CA ASP A 33 7.98 14.30 -7.02
C ASP A 33 6.44 14.19 -7.16
N GLY A 34 5.77 13.72 -6.12
CA GLY A 34 4.32 13.53 -6.15
C GLY A 34 3.88 12.15 -6.65
N THR A 35 4.75 11.43 -7.39
CA THR A 35 4.42 10.06 -7.86
C THR A 35 4.40 9.09 -6.68
N MET A 36 3.89 7.90 -6.92
CA MET A 36 3.58 6.97 -5.84
C MET A 36 4.47 5.75 -5.80
N ASN A 37 4.80 5.33 -4.59
CA ASN A 37 5.45 4.05 -4.32
C ASN A 37 4.50 3.21 -3.48
N LEU A 38 3.68 2.39 -4.14
CA LEU A 38 2.73 1.49 -3.45
C LEU A 38 3.39 0.24 -2.80
N MET A 39 4.69 0.06 -2.99
CA MET A 39 5.39 -1.10 -2.38
C MET A 39 5.81 -0.88 -0.92
N ASN A 40 5.59 0.34 -0.43
CA ASN A 40 5.95 0.79 0.90
C ASN A 40 4.83 1.71 1.44
N TRP A 41 4.12 1.27 2.48
CA TRP A 41 3.04 1.98 3.10
C TRP A 41 3.37 2.30 4.55
N GLU A 42 3.15 3.56 4.95
CA GLU A 42 3.23 3.96 6.35
C GLU A 42 1.85 3.81 7.00
N CYS A 43 1.75 2.89 7.97
CA CYS A 43 0.50 2.61 8.64
C CYS A 43 0.49 2.96 10.11
N ALA A 44 -0.70 2.91 10.70
CA ALA A 44 -0.87 3.02 12.14
C ALA A 44 -2.04 2.14 12.57
N ILE A 45 -1.83 1.43 13.68
CA ILE A 45 -2.87 0.57 14.28
C ILE A 45 -3.34 1.20 15.61
N PRO A 46 -4.69 1.47 15.73
CA PRO A 46 -5.16 1.90 17.05
C PRO A 46 -5.28 0.68 17.93
N GLY A 47 -4.86 0.80 19.16
CA GLY A 47 -5.05 -0.25 20.13
C GLY A 47 -6.53 -0.54 20.32
N LYS A 48 -6.82 -1.83 20.45
CA LYS A 48 -8.20 -2.29 20.52
C LYS A 48 -8.93 -1.70 21.73
N LYS A 49 -10.17 -1.29 21.49
CA LYS A 49 -11.04 -0.74 22.51
C LYS A 49 -11.48 -1.77 23.57
N GLY A 50 -11.44 -1.33 24.82
CA GLY A 50 -11.84 -2.17 25.95
C GLY A 50 -10.71 -3.07 26.46
N THR A 51 -9.48 -2.76 26.06
CA THR A 51 -8.29 -3.55 26.35
C THR A 51 -7.17 -2.58 26.80
N PRO A 52 -6.09 -3.10 27.47
CA PRO A 52 -4.94 -2.30 27.91
C PRO A 52 -4.21 -1.62 26.77
N TRP A 53 -4.53 -2.00 25.54
CA TRP A 53 -3.97 -1.38 24.33
C TRP A 53 -4.70 -0.12 23.90
N GLU A 54 -5.90 0.10 24.43
CA GLU A 54 -6.71 1.22 24.01
C GLU A 54 -5.95 2.54 24.21
N GLY A 55 -6.00 3.37 23.19
CA GLY A 55 -5.45 4.72 23.29
C GLY A 55 -4.14 4.89 22.58
N GLY A 56 -3.40 3.76 22.44
CA GLY A 56 -2.14 3.71 21.72
C GLY A 56 -2.44 3.74 20.25
N LEU A 57 -1.60 4.45 19.49
CA LEU A 57 -1.65 4.44 18.05
C LEU A 57 -0.25 4.04 17.59
N PHE A 58 -0.14 2.83 17.05
CA PHE A 58 1.17 2.20 16.84
C PHE A 58 1.53 2.13 15.36
N LYS A 59 2.58 2.84 14.99
CA LYS A 59 3.02 2.94 13.61
C LYS A 59 3.63 1.63 13.20
N LEU A 60 3.27 1.19 12.01
CA LEU A 60 3.80 -0.02 11.43
C LEU A 60 4.05 0.30 9.98
N ARG A 61 5.21 -0.10 9.46
CA ARG A 61 5.47 -0.05 8.03
C ARG A 61 5.08 -1.38 7.35
N MET A 62 4.52 -1.28 6.13
CA MET A 62 4.08 -2.47 5.33
C MET A 62 4.79 -2.46 3.98
N LEU A 63 5.63 -3.48 3.75
CA LEU A 63 6.47 -3.57 2.55
C LEU A 63 6.03 -4.75 1.67
N PHE A 64 5.84 -4.46 0.38
CA PHE A 64 5.31 -5.46 -0.54
C PHE A 64 6.40 -5.81 -1.51
N LYS A 65 6.38 -7.06 -1.97
CA LYS A 65 7.36 -7.59 -2.92
C LYS A 65 6.67 -7.75 -4.28
N ASP A 66 7.42 -7.91 -5.36
CA ASP A 66 6.83 -7.85 -6.71
C ASP A 66 5.90 -8.99 -7.03
N ASP A 67 5.90 -10.02 -6.19
CA ASP A 67 5.04 -11.21 -6.33
C ASP A 67 3.81 -11.14 -5.45
N TYR A 68 3.62 -9.97 -4.82
CA TYR A 68 2.30 -9.60 -4.27
C TYR A 68 1.23 -9.57 -5.37
N PRO A 69 0.03 -10.13 -5.11
CA PRO A 69 -0.54 -10.78 -3.90
C PRO A 69 -0.36 -12.31 -3.62
N SER A 70 0.49 -12.98 -4.38
CA SER A 70 0.82 -14.37 -4.08
C SER A 70 1.72 -14.43 -2.84
N SER A 71 2.50 -13.37 -2.59
CA SER A 71 3.33 -13.19 -1.39
C SER A 71 2.63 -12.26 -0.41
N PRO A 72 2.86 -12.44 0.92
CA PRO A 72 2.39 -11.44 1.90
C PRO A 72 3.30 -10.23 2.00
N PRO A 73 2.78 -9.13 2.58
CA PRO A 73 3.69 -8.04 2.98
C PRO A 73 4.57 -8.42 4.17
N LYS A 74 5.64 -7.68 4.40
CA LYS A 74 6.31 -7.73 5.67
C LYS A 74 5.76 -6.53 6.47
N CYS A 75 5.47 -6.77 7.74
CA CYS A 75 4.87 -5.79 8.62
C CYS A 75 5.80 -5.52 9.80
N LYS A 76 6.27 -4.28 9.89
CA LYS A 76 7.28 -3.88 10.87
C LYS A 76 6.77 -2.69 11.72
N PHE A 77 6.60 -2.95 13.01
CA PHE A 77 6.40 -1.89 13.98
C PHE A 77 7.65 -0.99 14.10
N GLU A 78 7.43 0.32 14.00
CA GLU A 78 8.50 1.33 14.06
C GLU A 78 8.07 2.41 15.06
N PRO A 79 8.61 2.39 16.31
CA PRO A 79 9.60 1.47 16.85
C PRO A 79 9.01 0.11 17.17
N PRO A 80 9.90 -0.87 17.49
CA PRO A 80 9.41 -2.18 17.86
C PRO A 80 8.60 -2.08 19.16
N LEU A 81 7.62 -2.96 19.28
CA LEU A 81 6.76 -3.00 20.44
C LEU A 81 7.12 -4.17 21.35
N PHE A 82 6.89 -3.96 22.64
CA PHE A 82 6.81 -4.98 23.67
C PHE A 82 5.50 -5.76 23.44
N HIS A 83 5.69 -7.04 23.10
CA HIS A 83 4.67 -7.97 22.73
C HIS A 83 5.42 -9.28 22.41
N PRO A 84 4.86 -10.43 22.87
CA PRO A 84 5.47 -11.75 22.60
C PRO A 84 5.75 -12.14 21.17
N ASN A 85 4.98 -11.62 20.18
CA ASN A 85 5.03 -12.08 18.78
C ASN A 85 5.57 -11.04 17.78
N VAL A 86 6.23 -10.03 18.31
CA VAL A 86 7.00 -9.06 17.54
C VAL A 86 8.47 -9.25 17.90
N TYR A 87 9.27 -9.52 16.89
CA TYR A 87 10.71 -9.69 17.07
C TYR A 87 11.36 -8.38 17.54
N PRO A 88 12.52 -8.43 18.21
CA PRO A 88 13.22 -7.17 18.56
C PRO A 88 13.38 -6.18 17.39
N SER A 89 13.30 -6.70 16.16
CA SER A 89 13.37 -5.91 14.95
C SER A 89 12.15 -5.02 14.64
N GLY A 90 11.01 -5.31 15.26
CA GLY A 90 9.71 -4.74 14.86
C GLY A 90 8.89 -5.61 13.90
N THR A 91 9.53 -6.59 13.26
CA THR A 91 8.83 -7.50 12.36
C THR A 91 7.88 -8.39 13.13
N VAL A 92 6.63 -8.40 12.66
CA VAL A 92 5.53 -9.13 13.23
C VAL A 92 5.60 -10.61 12.77
N CYS A 93 5.57 -11.50 13.76
CA CYS A 93 5.33 -12.91 13.53
C CYS A 93 3.84 -13.23 13.58
N LEU A 94 3.25 -13.51 12.43
CA LEU A 94 1.80 -13.76 12.33
C LEU A 94 1.53 -14.72 11.15
N SER A 95 0.76 -15.78 11.34
CA SER A 95 0.61 -16.83 10.28
C SER A 95 0.04 -16.33 8.96
N ILE A 96 -0.78 -15.29 8.98
CA ILE A 96 -1.30 -14.76 7.71
C ILE A 96 -0.27 -13.99 6.91
N LEU A 97 0.95 -13.85 7.48
CA LEU A 97 2.10 -13.17 6.86
C LEU A 97 3.13 -14.16 6.30
N GLU A 98 2.66 -15.40 6.09
CA GLU A 98 3.41 -16.52 5.50
C GLU A 98 2.61 -17.30 4.44
N GLU A 99 3.16 -17.35 3.23
CA GLU A 99 2.62 -18.17 2.11
C GLU A 99 2.38 -19.62 2.52
N ASP A 100 3.31 -20.14 3.34
CA ASP A 100 3.28 -21.53 3.76
C ASP A 100 2.41 -21.78 4.97
N LYS A 101 1.94 -20.72 5.60
CA LYS A 101 0.92 -20.82 6.64
C LYS A 101 -0.43 -20.30 6.10
N ASP A 102 -0.83 -19.09 6.49
CA ASP A 102 -2.21 -18.65 6.28
C ASP A 102 -2.33 -17.46 5.35
N TRP A 103 -1.23 -17.06 4.69
CA TRP A 103 -1.37 -16.01 3.66
C TRP A 103 -2.07 -16.59 2.44
N ARG A 104 -3.08 -15.89 1.96
CA ARG A 104 -3.59 -16.13 0.65
C ARG A 104 -3.85 -14.82 -0.09
N PRO A 105 -3.75 -14.86 -1.45
CA PRO A 105 -4.05 -13.68 -2.27
C PRO A 105 -5.28 -12.86 -1.89
N ALA A 106 -6.29 -13.47 -1.27
CA ALA A 106 -7.56 -12.80 -0.95
C ALA A 106 -7.49 -11.90 0.28
N ILE A 107 -6.39 -11.97 1.01
CA ILE A 107 -6.25 -11.15 2.21
C ILE A 107 -5.90 -9.72 1.86
N THR A 108 -6.71 -8.78 2.36
CA THR A 108 -6.55 -7.35 2.11
C THR A 108 -5.79 -6.64 3.24
N ILE A 109 -5.35 -5.42 2.97
CA ILE A 109 -4.63 -4.57 3.92
C ILE A 109 -5.47 -4.33 5.15
N LYS A 110 -6.77 -4.18 4.96
CA LYS A 110 -7.70 -4.06 6.09
C LYS A 110 -7.61 -5.27 7.01
N GLN A 111 -7.61 -6.44 6.42
CA GLN A 111 -7.61 -7.70 7.20
C GLN A 111 -6.25 -7.97 7.85
N ILE A 112 -5.19 -7.58 7.17
CA ILE A 112 -3.85 -7.56 7.73
C ILE A 112 -3.77 -6.68 8.99
N LEU A 113 -4.28 -5.46 8.92
CA LEU A 113 -4.10 -4.51 10.01
C LEU A 113 -4.96 -4.88 11.20
N LEU A 114 -6.19 -5.30 10.88
CA LEU A 114 -7.10 -5.88 11.86
C LEU A 114 -6.54 -7.18 12.49
N GLY A 115 -5.94 -8.04 11.68
CA GLY A 115 -5.28 -9.26 12.17
C GLY A 115 -4.19 -8.96 13.20
N ILE A 116 -3.35 -7.98 12.89
CA ILE A 116 -2.30 -7.50 13.78
C ILE A 116 -2.84 -6.76 15.02
N GLN A 117 -3.88 -5.93 14.86
CA GLN A 117 -4.50 -5.35 16.06
C GLN A 117 -4.98 -6.41 17.06
N GLU A 118 -5.62 -7.45 16.54
CA GLU A 118 -6.08 -8.57 17.37
C GLU A 118 -4.93 -9.35 18.05
N LEU A 119 -3.88 -9.61 17.28
CA LEU A 119 -2.66 -10.21 17.80
C LEU A 119 -2.10 -9.42 18.99
N LEU A 120 -2.08 -8.09 18.88
CA LEU A 120 -1.58 -7.23 19.97
C LEU A 120 -2.25 -7.61 21.27
N ASN A 121 -3.57 -7.63 21.24
CA ASN A 121 -4.40 -7.97 22.34
C ASN A 121 -4.39 -9.43 22.85
N GLU A 122 -4.36 -10.40 21.94
CA GLU A 122 -4.29 -11.83 22.26
CA GLU A 122 -4.28 -11.81 22.29
C GLU A 122 -3.08 -12.50 21.60
N PRO A 123 -1.93 -12.52 22.30
CA PRO A 123 -0.74 -13.21 21.79
C PRO A 123 -0.88 -14.70 21.50
N ASN A 124 -0.16 -15.16 20.48
N ASN A 124 -0.11 -15.18 20.54
CA ASN A 124 0.02 -16.57 20.23
CA ASN A 124 -0.06 -16.59 20.21
C ASN A 124 1.18 -17.08 21.09
C ASN A 124 1.14 -17.26 20.93
N ILE A 125 0.86 -17.90 22.07
CA ILE A 125 1.91 -18.56 22.89
C ILE A 125 2.72 -19.67 22.17
N GLN A 126 2.39 -19.94 20.92
N GLN A 126 2.35 -20.00 20.93
CA GLN A 126 3.11 -20.90 20.10
CA GLN A 126 3.15 -20.92 20.11
C GLN A 126 4.30 -20.30 19.35
C GLN A 126 4.46 -20.28 19.68
N ASP A 127 4.42 -18.98 19.43
CA ASP A 127 5.49 -18.27 18.76
C ASP A 127 6.22 -17.29 19.68
N PRO A 128 7.22 -17.74 20.44
CA PRO A 128 7.93 -16.70 21.15
C PRO A 128 8.92 -15.94 20.22
N ALA A 129 8.49 -14.80 19.68
CA ALA A 129 9.36 -13.94 18.87
C ALA A 129 10.25 -13.07 19.77
N GLN A 130 9.70 -12.71 20.93
CA GLN A 130 10.37 -11.83 21.88
C GLN A 130 10.29 -12.52 23.23
N ALA A 131 11.42 -13.08 23.69
CA ALA A 131 11.46 -13.95 24.86
C ALA A 131 11.12 -13.28 26.21
N GLU A 132 11.47 -12.01 26.38
CA GLU A 132 11.16 -11.34 27.64
C GLU A 132 9.66 -10.91 27.73
N ALA A 133 9.13 -10.33 26.67
CA ALA A 133 7.68 -10.06 26.59
C ALA A 133 6.87 -11.35 26.80
N TYR A 134 7.31 -12.40 26.12
CA TYR A 134 6.71 -13.72 26.20
C TYR A 134 6.73 -14.35 27.61
N THR A 135 7.89 -14.32 28.25
CA THR A 135 8.06 -14.92 29.58
C THR A 135 7.19 -14.16 30.58
N ILE A 136 7.18 -12.83 30.46
CA ILE A 136 6.38 -12.00 31.36
C ILE A 136 4.87 -12.24 31.12
N TYR A 137 4.45 -12.23 29.86
CA TYR A 137 3.08 -12.63 29.51
C TYR A 137 2.61 -13.91 30.23
N CYS A 138 3.44 -14.94 30.23
CA CYS A 138 3.10 -16.26 30.75
C CYS A 138 3.20 -16.30 32.28
N GLN A 139 4.29 -15.78 32.84
CA GLN A 139 4.59 -15.89 34.26
C GLN A 139 4.27 -14.67 35.13
N ASN A 140 4.10 -13.50 34.55
CA ASN A 140 3.71 -12.33 35.31
C ASN A 140 2.74 -11.40 34.53
N ARG A 141 1.48 -11.81 34.46
CA ARG A 141 0.49 -11.10 33.65
C ARG A 141 0.30 -9.68 34.15
N VAL A 142 0.48 -9.48 35.47
CA VAL A 142 0.36 -8.17 36.12
C VAL A 142 1.43 -7.24 35.56
N GLU A 143 2.70 -7.64 35.60
CA GLU A 143 3.75 -6.82 35.04
C GLU A 143 3.54 -6.61 33.55
N TYR A 144 3.06 -7.65 32.86
CA TYR A 144 2.75 -7.58 31.43
C TYR A 144 1.74 -6.47 31.15
N GLU A 145 0.60 -6.54 31.83
CA GLU A 145 -0.45 -5.53 31.66
C GLU A 145 0.05 -4.14 31.99
N LYS A 146 0.84 -3.99 33.05
CA LYS A 146 1.46 -2.70 33.40
C LYS A 146 2.29 -2.10 32.26
N ARG A 147 3.15 -2.93 31.66
CA ARG A 147 4.01 -2.51 30.55
C ARG A 147 3.22 -2.20 29.30
N VAL A 148 2.11 -2.90 29.13
CA VAL A 148 1.29 -2.71 27.94
C VAL A 148 0.61 -1.33 28.04
N ARG A 149 0.16 -0.98 29.24
CA ARG A 149 -0.54 0.29 29.45
C ARG A 149 0.41 1.49 29.40
N ALA A 150 1.64 1.31 29.85
CA ALA A 150 2.64 2.35 29.76
C ALA A 150 3.03 2.58 28.31
N GLN A 151 3.03 1.51 27.52
CA GLN A 151 3.40 1.57 26.13
C GLN A 151 2.27 2.17 25.30
N ALA A 152 1.03 1.83 25.62
CA ALA A 152 -0.13 2.46 24.96
C ALA A 152 -0.10 3.99 25.18
N LYS A 153 0.21 4.36 26.43
CA LYS A 153 0.34 5.74 26.89
C LYS A 153 1.46 6.51 26.18
N LYS A 154 2.62 5.86 26.04
CA LYS A 154 3.73 6.39 25.27
C LYS A 154 3.37 6.72 23.80
N PHE A 155 2.49 5.93 23.21
CA PHE A 155 2.11 6.08 21.81
C PHE A 155 0.67 6.63 21.58
N ALA A 156 0.05 7.18 22.62
CA ALA A 156 -1.22 7.90 22.52
C ALA A 156 -1.07 9.25 21.82
N PRO A 157 -1.90 9.53 20.79
CA PRO A 157 -1.82 10.86 20.23
C PRO A 157 -1.96 11.92 21.32
N SER A 158 -1.10 12.93 21.24
CA SER A 158 -1.02 13.97 22.27
C SER A 158 -1.01 15.34 21.59
N MET B 1 8.39 6.20 -34.95
N MET B 1 8.47 6.94 -34.24
CA MET B 1 8.96 7.39 -35.62
CA MET B 1 8.97 7.30 -35.58
C MET B 1 10.47 7.57 -35.49
C MET B 1 10.46 7.52 -35.54
N GLU B 2 11.25 6.61 -34.96
CA GLU B 2 10.83 5.25 -34.47
C GLU B 2 10.24 5.24 -33.07
N TYR B 3 10.85 6.06 -32.21
CA TYR B 3 10.29 6.41 -30.92
C TYR B 3 10.00 7.92 -30.93
N ILE B 4 8.85 8.28 -30.37
CA ILE B 4 8.47 9.67 -30.17
C ILE B 4 8.33 9.87 -28.68
N LYS B 5 8.72 11.07 -28.22
CA LYS B 5 8.49 11.48 -26.83
C LYS B 5 7.11 12.10 -26.74
N LEU B 6 6.29 11.50 -25.88
CA LEU B 6 4.94 11.93 -25.56
C LEU B 6 4.93 12.48 -24.13
N LYS B 7 4.20 13.56 -23.92
N LYS B 7 4.11 13.49 -23.89
CA LYS B 7 4.11 14.20 -22.62
CA LYS B 7 4.11 14.26 -22.64
C LYS B 7 2.68 14.00 -22.12
C LYS B 7 2.71 14.21 -22.03
N VAL B 8 2.57 13.53 -20.88
CA VAL B 8 1.26 13.38 -20.22
C VAL B 8 1.18 14.38 -19.08
N ILE B 9 0.17 15.25 -19.17
CA ILE B 9 -0.05 16.39 -18.26
C ILE B 9 -1.42 16.24 -17.58
N GLY B 10 -1.43 16.49 -16.27
CA GLY B 10 -2.64 16.48 -15.49
C GLY B 10 -3.03 17.89 -15.10
N GLN B 11 -4.10 17.99 -14.32
CA GLN B 11 -4.61 19.29 -13.88
C GLN B 11 -3.54 20.12 -13.14
N ASP B 12 -2.73 19.46 -12.30
CA ASP B 12 -1.70 20.15 -11.49
C ASP B 12 -0.48 20.74 -12.26
N SER B 13 -0.43 20.53 -13.57
CA SER B 13 0.68 20.97 -14.46
C SER B 13 1.91 20.09 -14.35
N SER B 14 1.79 18.96 -13.66
CA SER B 14 2.85 17.97 -13.59
C SER B 14 2.93 17.29 -14.94
N GLU B 15 4.13 16.87 -15.34
CA GLU B 15 4.34 16.15 -16.58
C GLU B 15 5.09 14.83 -16.33
N ILE B 16 4.71 13.79 -17.06
CA ILE B 16 5.52 12.59 -17.16
C ILE B 16 5.70 12.27 -18.63
N HIS B 17 6.94 11.90 -18.97
CA HIS B 17 7.37 11.80 -20.37
C HIS B 17 7.62 10.36 -20.72
N PHE B 18 7.09 9.94 -21.86
CA PHE B 18 7.23 8.54 -22.27
C PHE B 18 7.89 8.53 -23.63
N LYS B 19 8.79 7.57 -23.83
CA LYS B 19 9.35 7.25 -25.16
C LYS B 19 8.63 5.99 -25.65
N VAL B 20 7.85 6.14 -26.71
CA VAL B 20 7.02 5.04 -27.23
C VAL B 20 7.21 4.91 -28.74
N LYS B 21 7.10 3.67 -29.24
CA LYS B 21 7.04 3.41 -30.68
C LYS B 21 5.68 3.81 -31.23
N MET B 22 5.63 4.27 -32.48
CA MET B 22 4.37 4.67 -33.16
C MET B 22 3.43 3.51 -33.37
N THR B 23 4.05 2.34 -33.34
CA THR B 23 3.47 1.08 -33.70
C THR B 23 2.75 0.45 -32.51
N THR B 24 3.21 0.81 -31.31
CA THR B 24 2.77 0.16 -30.09
C THR B 24 1.44 0.77 -29.57
N HIS B 25 0.56 -0.13 -29.14
CA HIS B 25 -0.71 0.19 -28.50
C HIS B 25 -0.45 1.08 -27.28
N LEU B 26 -1.21 2.17 -27.20
CA LEU B 26 -1.03 3.17 -26.16
C LEU B 26 -1.50 2.72 -24.76
N LYS B 27 -2.14 1.54 -24.68
CA LYS B 27 -2.44 0.87 -23.41
C LYS B 27 -1.22 0.80 -22.46
N LYS B 28 -0.03 0.51 -22.99
CA LYS B 28 1.14 0.39 -22.12
C LYS B 28 1.47 1.72 -21.45
N LEU B 29 1.26 2.82 -22.18
CA LEU B 29 1.58 4.15 -21.69
C LEU B 29 0.60 4.52 -20.58
N LYS B 30 -0.67 4.25 -20.85
CA LYS B 30 -1.76 4.47 -19.90
C LYS B 30 -1.51 3.69 -18.65
N GLU B 31 -1.20 2.41 -18.83
N GLU B 31 -1.18 2.40 -18.78
CA GLU B 31 -0.89 1.48 -17.73
CA GLU B 31 -0.93 1.55 -17.61
C GLU B 31 0.20 2.04 -16.82
C GLU B 31 0.20 2.13 -16.78
N SER B 32 1.31 2.48 -17.41
CA SER B 32 2.46 3.09 -16.66
C SER B 32 2.12 4.37 -15.96
N TYR B 33 1.36 5.24 -16.62
CA TYR B 33 0.97 6.52 -16.04
C TYR B 33 0.15 6.33 -14.77
N CYS B 34 -0.88 5.49 -14.88
CA CYS B 34 -1.71 5.04 -13.74
C CYS B 34 -0.90 4.45 -12.62
N GLN B 35 0.08 3.66 -12.99
CA GLN B 35 0.99 3.11 -11.99
C GLN B 35 1.74 4.20 -11.21
N ARG B 36 2.26 5.21 -11.92
CA ARG B 36 2.99 6.29 -11.27
C ARG B 36 2.13 7.17 -10.36
N GLN B 37 0.82 7.18 -10.63
CA GLN B 37 -0.16 7.87 -9.84
C GLN B 37 -0.82 6.99 -8.77
N GLY B 38 -0.63 5.66 -8.85
CA GLY B 38 -1.11 4.75 -7.83
C GLY B 38 -2.60 4.57 -7.81
N VAL B 39 -3.18 4.63 -9.00
CA VAL B 39 -4.63 4.55 -9.20
C VAL B 39 -4.96 3.44 -10.25
N PRO B 40 -6.15 2.83 -10.16
CA PRO B 40 -6.40 1.81 -11.18
C PRO B 40 -6.44 2.36 -12.61
N MET B 41 -6.29 1.44 -13.57
N MET B 41 -6.31 1.47 -13.59
CA MET B 41 -6.36 1.74 -15.00
CA MET B 41 -6.37 1.90 -14.99
C MET B 41 -7.72 2.34 -15.41
C MET B 41 -7.75 2.38 -15.43
N ASN B 42 -8.80 1.76 -14.91
CA ASN B 42 -10.18 2.22 -15.22
C ASN B 42 -10.63 3.60 -14.59
N SER B 43 -9.72 4.25 -13.87
CA SER B 43 -10.03 5.48 -13.13
C SER B 43 -9.57 6.77 -13.81
N LEU B 44 -8.74 6.66 -14.86
CA LEU B 44 -8.21 7.81 -15.60
C LEU B 44 -8.57 7.74 -17.10
N ARG B 45 -8.73 8.90 -17.72
CA ARG B 45 -8.92 8.98 -19.17
C ARG B 45 -7.85 9.88 -19.74
N PHE B 46 -7.38 9.51 -20.93
CA PHE B 46 -6.32 10.18 -21.62
C PHE B 46 -6.86 10.71 -22.94
N LEU B 47 -6.61 11.99 -23.21
CA LEU B 47 -7.11 12.63 -24.42
C LEU B 47 -5.96 13.22 -25.23
N PHE B 48 -6.07 13.08 -26.55
CA PHE B 48 -5.18 13.72 -27.50
C PHE B 48 -6.06 14.48 -28.48
N GLU B 49 -5.74 15.75 -28.71
CA GLU B 49 -6.57 16.68 -29.48
C GLU B 49 -8.03 16.60 -29.13
N GLY B 50 -8.30 16.41 -27.84
CA GLY B 50 -9.66 16.35 -27.33
C GLY B 50 -10.41 15.05 -27.51
N GLN B 51 -9.76 14.03 -28.06
CA GLN B 51 -10.41 12.73 -28.28
C GLN B 51 -9.77 11.69 -27.38
N ARG B 52 -10.62 10.83 -26.84
CA ARG B 52 -10.23 9.73 -25.97
C ARG B 52 -9.23 8.77 -26.65
N ILE B 53 -8.18 8.41 -25.91
CA ILE B 53 -7.23 7.42 -26.40
C ILE B 53 -7.64 6.02 -25.98
N ALA B 54 -8.04 5.22 -26.95
CA ALA B 54 -8.30 3.81 -26.76
C ALA B 54 -7.01 3.01 -26.47
N ASP B 55 -7.20 1.87 -25.82
CA ASP B 55 -6.14 0.91 -25.52
C ASP B 55 -5.37 0.48 -26.75
N ASN B 56 -6.10 0.24 -27.84
CA ASN B 56 -5.50 -0.18 -29.11
C ASN B 56 -5.29 0.95 -30.15
N HIS B 57 -5.36 2.21 -29.72
CA HIS B 57 -4.84 3.33 -30.53
C HIS B 57 -3.33 3.31 -30.45
N THR B 58 -2.71 3.72 -31.54
CA THR B 58 -1.25 3.84 -31.67
C THR B 58 -0.96 5.30 -32.02
N PRO B 59 0.23 5.82 -31.66
CA PRO B 59 0.58 7.17 -32.10
C PRO B 59 0.50 7.41 -33.62
N LYS B 60 0.77 6.39 -34.42
CA LYS B 60 0.63 6.44 -35.88
C LYS B 60 -0.80 6.73 -36.30
N GLU B 61 -1.75 5.92 -35.82
CA GLU B 61 -3.19 6.12 -36.06
C GLU B 61 -3.71 7.53 -35.77
N LEU B 62 -3.36 8.06 -34.58
CA LEU B 62 -3.84 9.35 -34.09
C LEU B 62 -2.96 10.50 -34.59
N GLY B 63 -1.91 10.16 -35.35
CA GLY B 63 -1.06 11.16 -36.00
C GLY B 63 -0.12 11.90 -35.09
N MET B 64 0.31 11.27 -33.99
CA MET B 64 1.08 11.96 -32.96
C MET B 64 2.53 12.16 -33.41
N GLU B 65 3.22 13.07 -32.71
CA GLU B 65 4.56 13.50 -33.07
C GLU B 65 5.41 13.69 -31.84
N GLU B 66 6.68 13.95 -32.07
CA GLU B 66 7.58 14.33 -31.01
C GLU B 66 6.97 15.46 -30.14
N GLU B 67 7.06 15.29 -28.81
N GLU B 67 7.10 15.26 -28.81
CA GLU B 67 6.69 16.34 -27.83
CA GLU B 67 6.67 16.20 -27.75
C GLU B 67 5.19 16.62 -27.74
C GLU B 67 5.20 16.64 -27.78
N ASP B 68 4.36 15.88 -28.49
CA ASP B 68 2.90 16.03 -28.37
C ASP B 68 2.46 15.84 -26.92
N VAL B 69 1.34 16.46 -26.58
CA VAL B 69 0.76 16.43 -25.24
C VAL B 69 -0.49 15.54 -25.19
N ILE B 70 -0.56 14.69 -24.15
CA ILE B 70 -1.72 13.90 -23.82
C ILE B 70 -2.18 14.52 -22.51
N GLU B 71 -3.45 14.90 -22.46
CA GLU B 71 -4.07 15.34 -21.21
C GLU B 71 -4.81 14.19 -20.53
N VAL B 72 -4.56 14.09 -19.23
CA VAL B 72 -5.10 13.03 -18.41
C VAL B 72 -6.11 13.67 -17.43
N TYR B 73 -7.24 13.00 -17.26
CA TYR B 73 -8.31 13.40 -16.35
C TYR B 73 -8.79 12.18 -15.53
N GLN B 74 -9.28 12.42 -14.33
CA GLN B 74 -10.04 11.44 -13.55
C GLN B 74 -11.33 11.10 -14.23
N GLU B 75 -11.63 9.80 -14.37
CA GLU B 75 -12.98 9.40 -14.85
C GLU B 75 -14.11 9.92 -13.95
N GLN B 76 -15.03 10.54 -14.60
CA GLN B 76 -16.34 10.85 -13.97
C GLN B 76 -16.58 12.34 -13.65
N THR B 77 -15.81 13.02 -12.79
CA THR B 77 -14.59 12.54 -12.08
C THR B 77 -14.92 11.80 -10.74
N GLY B 78 -14.08 10.82 -10.37
CA GLY B 78 -14.43 9.74 -9.40
C GLY B 78 -13.59 9.58 -8.13
N GLY B 79 -13.37 7.66 -8.10
CA GLY B 79 -12.66 6.76 -8.99
C GLY B 79 -11.80 5.72 -8.28
C FMT C . -13.84 0.26 -3.41
O1 FMT C . -13.96 -0.83 -2.63
O2 FMT C . -13.33 0.21 -4.50
C FMT D . 3.91 3.73 17.80
O1 FMT D . 4.44 4.50 16.83
O2 FMT D . 4.33 2.61 18.05
NA NA E . 6.21 -15.87 3.06
C FMT F . -14.20 8.24 -20.83
O1 FMT F . -15.32 7.63 -20.39
O2 FMT F . -14.15 8.71 -21.94
C FMT G . -15.94 9.44 -24.83
O1 FMT G . -16.21 8.13 -24.81
O2 FMT G . -15.62 9.97 -25.87
#